data_2Q1D
#
_entry.id   2Q1D
#
_cell.length_a   128.280
_cell.length_b   128.280
_cell.length_c   223.520
_cell.angle_alpha   90.00
_cell.angle_beta   90.00
_cell.angle_gamma   90.00
#
_symmetry.space_group_name_H-M   'I 41 2 2'
#
loop_
_entity.id
_entity.type
_entity.pdbx_description
1 polymer '2-keto-3-deoxy-D-arabinonate dehydratase'
2 non-polymer 'MAGNESIUM ION'
3 non-polymer '2,5-DIOXOPENTANOIC ACID'
4 water water
#
_entity_poly.entity_id   1
_entity_poly.type   'polypeptide(L)'
_entity_poly.pdbx_seq_one_letter_code
;MKLFRVVKRGYYISYAILDNSTIIRLDEDPIKALMRYSENKEVLGDRVTGIDYQSLLKSFQINDIRITKPIDPPEVWGSG
ISYEMARERYSEENVAKILGKTIYEKVYDAVRPEIFFKATPNRCVGHGEAIAVRSDSEWTLPEPELAVVLDSNGKILGYT
IMDDVSARDLEAENPLYLPQSKIYAGCCAFGPVIVTSDEIKNPYSLDITLKIVREGRVFFEGSVNTNKMRRKIEEQIQYL
IRDNPIPDGTILTTGTAIVPGRDKGLKDEDIVEITISNIGTLITPVKKRRKIT
;
_entity_poly.pdbx_strand_id   X
#
loop_
_chem_comp.id
_chem_comp.type
_chem_comp.name
_chem_comp.formula
DO4 non-polymer '2,5-DIOXOPENTANOIC ACID' 'C5 H6 O4'
MG non-polymer 'MAGNESIUM ION' 'Mg 2'
#
# COMPACT_ATOMS: atom_id res chain seq x y z
N MET A 1 -1.53 -13.36 12.52
CA MET A 1 -0.05 -13.22 12.35
C MET A 1 0.25 -11.92 11.59
N LYS A 2 1.35 -11.25 11.95
CA LYS A 2 1.77 -10.04 11.25
C LYS A 2 3.21 -10.18 10.73
N LEU A 3 3.33 -10.13 9.41
CA LEU A 3 4.57 -10.46 8.71
C LEU A 3 5.37 -9.22 8.39
N PHE A 4 6.68 -9.26 8.62
CA PHE A 4 7.54 -8.19 8.16
C PHE A 4 8.87 -8.74 7.67
N ARG A 5 9.71 -7.87 7.13
CA ARG A 5 10.95 -8.31 6.54
C ARG A 5 12.06 -7.26 6.75
N VAL A 6 13.27 -7.74 7.04
CA VAL A 6 14.43 -6.86 7.15
C VAL A 6 15.53 -7.22 6.15
N VAL A 7 16.43 -6.26 5.92
CA VAL A 7 17.58 -6.43 5.05
C VAL A 7 18.83 -6.28 5.91
N LYS A 8 19.65 -7.33 5.87
CA LYS A 8 20.79 -7.50 6.76
C LYS A 8 21.96 -7.92 5.90
N ARG A 9 22.96 -7.04 5.75
CA ARG A 9 24.17 -7.31 4.94
C ARG A 9 23.87 -7.88 3.56
N GLY A 10 22.95 -7.25 2.86
CA GLY A 10 22.62 -7.69 1.52
C GLY A 10 21.61 -8.81 1.38
N TYR A 11 21.17 -9.43 2.50
CA TYR A 11 20.16 -10.51 2.43
C TYR A 11 18.87 -10.24 3.25
N TYR A 12 17.76 -10.84 2.83
CA TYR A 12 16.49 -10.71 3.53
C TYR A 12 16.32 -11.77 4.60
N ILE A 13 15.58 -11.41 5.64
CA ILE A 13 15.09 -12.34 6.66
C ILE A 13 13.67 -11.88 6.98
N SER A 14 12.72 -12.82 6.92
CA SER A 14 11.31 -12.53 7.20
C SER A 14 10.92 -12.99 8.60
N TYR A 15 10.09 -12.20 9.25
CA TYR A 15 9.63 -12.54 10.59
C TYR A 15 8.13 -12.40 10.65
N ALA A 16 7.52 -13.10 11.59
CA ALA A 16 6.13 -12.95 11.87
C ALA A 16 5.97 -12.69 13.36
N ILE A 17 5.14 -11.70 13.68
CA ILE A 17 4.73 -11.46 15.07
C ILE A 17 3.34 -12.05 15.32
N LEU A 18 3.23 -12.81 16.40
CA LEU A 18 1.93 -13.30 16.86
C LEU A 18 1.33 -12.32 17.85
N ASP A 19 0.00 -12.35 17.98
CA ASP A 19 -0.72 -11.40 18.85
C ASP A 19 -0.02 -11.25 20.20
N ASN A 20 0.41 -12.37 20.77
CA ASN A 20 1.09 -12.37 22.07
C ASN A 20 2.56 -11.91 22.05
N SER A 21 2.87 -10.96 21.16
CA SER A 21 4.21 -10.33 21.07
C SER A 21 5.43 -11.25 20.85
N THR A 22 5.19 -12.53 20.53
CA THR A 22 6.28 -13.48 20.23
C THR A 22 6.60 -13.48 18.73
N ILE A 23 7.90 -13.34 18.43
CA ILE A 23 8.39 -13.21 17.07
C ILE A 23 8.91 -14.55 16.54
N ILE A 24 8.42 -14.95 15.38
CA ILE A 24 8.93 -16.13 14.70
C ILE A 24 9.77 -15.74 13.49
N ARG A 25 11.02 -16.20 13.43
CA ARG A 25 11.82 -16.16 12.21
C ARG A 25 11.28 -17.18 11.21
N LEU A 26 11.03 -16.72 9.98
CA LEU A 26 10.43 -17.60 8.98
C LEU A 26 11.43 -18.58 8.33
N ASP A 27 10.97 -19.82 8.18
CA ASP A 27 11.65 -20.84 7.41
C ASP A 27 11.45 -20.62 5.91
N GLU A 28 10.21 -20.39 5.50
CA GLU A 28 9.84 -20.31 4.10
C GLU A 28 9.92 -18.90 3.55
N ASP A 29 9.91 -18.82 2.22
CA ASP A 29 9.61 -17.58 1.55
C ASP A 29 8.30 -17.00 2.13
N PRO A 30 8.26 -15.67 2.36
CA PRO A 30 7.06 -15.10 2.99
C PRO A 30 5.76 -15.19 2.17
N ILE A 31 5.83 -15.13 0.84
CA ILE A 31 4.62 -15.31 0.00
C ILE A 31 4.10 -16.74 0.16
N LYS A 32 4.99 -17.70 -0.03
CA LYS A 32 4.75 -19.10 0.26
C LYS A 32 4.17 -19.27 1.69
N ALA A 33 4.71 -18.52 2.66
CA ALA A 33 4.26 -18.65 4.05
C ALA A 33 2.82 -18.21 4.23
N LEU A 34 2.50 -17.03 3.69
CA LEU A 34 1.13 -16.51 3.70
C LEU A 34 0.11 -17.49 3.15
N MET A 35 0.49 -18.21 2.09
CA MET A 35 -0.38 -19.21 1.45
C MET A 35 -0.70 -20.39 2.39
N ARG A 36 0.35 -20.95 2.98
CA ARG A 36 0.21 -22.00 3.96
C ARG A 36 -0.75 -21.54 5.06
N TYR A 37 -0.55 -20.33 5.58
CA TYR A 37 -1.39 -19.84 6.68
C TYR A 37 -2.88 -19.77 6.31
N SER A 38 -3.18 -19.31 5.09
CA SER A 38 -4.56 -19.20 4.63
C SER A 38 -5.18 -20.57 4.37
N GLU A 39 -4.38 -21.62 4.49
CA GLU A 39 -4.87 -22.99 4.37
C GLU A 39 -5.22 -23.62 5.71
N ASN A 40 -4.36 -23.46 6.70
CA ASN A 40 -4.50 -24.17 7.98
C ASN A 40 -3.84 -23.45 9.14
N LYS A 41 -3.45 -22.20 8.92
CA LYS A 41 -2.83 -21.38 9.96
C LYS A 41 -1.52 -21.94 10.53
N GLU A 42 -0.87 -22.87 9.81
CA GLU A 42 0.41 -23.41 10.26
C GLU A 42 1.60 -22.53 9.83
N VAL A 43 2.57 -22.36 10.73
CA VAL A 43 3.70 -21.45 10.49
C VAL A 43 5.05 -22.11 10.74
N LEU A 44 5.89 -22.22 9.73
CA LEU A 44 7.17 -22.90 9.90
C LEU A 44 8.30 -21.95 10.28
N GLY A 45 8.86 -22.13 11.47
CA GLY A 45 9.96 -21.31 11.95
C GLY A 45 10.37 -21.54 13.39
N ASP A 46 11.25 -20.65 13.87
CA ASP A 46 11.76 -20.69 15.24
C ASP A 46 11.39 -19.40 15.95
N ARG A 47 11.04 -19.52 17.23
CA ARG A 47 10.81 -18.35 18.06
C ARG A 47 12.14 -17.67 18.32
N VAL A 48 12.19 -16.37 18.02
CA VAL A 48 13.39 -15.55 18.28
C VAL A 48 13.19 -14.53 19.39
N THR A 49 14.28 -14.18 20.08
CA THR A 49 14.29 -13.03 20.99
C THR A 49 15.36 -12.09 20.47
N GLY A 50 15.39 -10.87 21.01
CA GLY A 50 16.38 -9.90 20.59
C GLY A 50 16.03 -9.22 19.27
N ILE A 51 14.84 -9.48 18.74
CA ILE A 51 14.37 -8.75 17.57
C ILE A 51 13.30 -7.75 18.01
N ASP A 52 13.68 -6.48 17.99
CA ASP A 52 12.85 -5.42 18.54
C ASP A 52 11.92 -4.76 17.51
N TYR A 53 10.81 -5.46 17.25
CA TYR A 53 9.81 -5.05 16.28
C TYR A 53 9.39 -3.60 16.51
N GLN A 54 9.02 -3.30 17.77
CA GLN A 54 8.65 -1.96 18.24
C GLN A 54 9.70 -0.87 17.99
N SER A 55 10.97 -1.21 18.14
CA SER A 55 12.02 -0.25 17.81
C SER A 55 12.16 -0.10 16.32
N LEU A 56 12.08 -1.23 15.61
CA LEU A 56 12.19 -1.20 14.14
C LEU A 56 11.17 -0.26 13.55
N LEU A 57 9.94 -0.32 14.08
CA LEU A 57 8.84 0.54 13.64
C LEU A 57 9.21 2.02 13.73
N LYS A 58 9.77 2.41 14.87
CA LYS A 58 10.14 3.80 15.17
C LYS A 58 11.43 4.25 14.49
N SER A 59 12.45 3.39 14.47
CA SER A 59 13.80 3.84 14.13
C SER A 59 14.36 3.28 12.83
N PHE A 60 13.62 2.35 12.22
CA PHE A 60 13.89 1.78 10.88
C PHE A 60 15.08 0.81 10.79
N GLN A 61 16.20 1.19 11.40
CA GLN A 61 17.37 0.31 11.50
C GLN A 61 17.67 0.05 12.98
N ILE A 62 18.50 -0.94 13.26
CA ILE A 62 18.95 -1.32 14.62
C ILE A 62 20.10 -2.29 14.39
N ASN A 63 21.29 -1.92 14.84
CA ASN A 63 22.50 -2.65 14.49
C ASN A 63 22.54 -2.83 12.97
N ASP A 64 22.70 -4.08 12.54
CA ASP A 64 22.88 -4.40 11.12
C ASP A 64 21.57 -4.84 10.42
N ILE A 65 20.42 -4.73 11.10
CA ILE A 65 19.12 -5.01 10.44
C ILE A 65 18.27 -3.76 10.11
N ARG A 66 17.68 -3.71 8.92
CA ARG A 66 16.76 -2.61 8.56
C ARG A 66 15.43 -3.10 7.99
N ILE A 67 14.31 -2.61 8.53
CA ILE A 67 12.99 -2.96 8.00
C ILE A 67 12.81 -2.47 6.53
N THR A 68 11.94 -3.15 5.78
CA THR A 68 11.71 -2.82 4.37
C THR A 68 10.34 -3.36 3.93
N LYS A 69 10.08 -3.44 2.63
CA LYS A 69 8.87 -4.08 2.12
C LYS A 69 8.70 -5.48 2.77
N PRO A 70 7.50 -5.79 3.31
CA PRO A 70 7.29 -7.15 3.84
C PRO A 70 7.39 -8.31 2.83
N ILE A 71 7.08 -8.07 1.55
CA ILE A 71 7.27 -9.07 0.49
C ILE A 71 7.69 -8.33 -0.77
N ASP A 72 8.24 -9.04 -1.75
CA ASP A 72 8.41 -8.49 -3.10
C ASP A 72 7.21 -8.90 -3.93
N PRO A 73 6.24 -8.00 -4.13
CA PRO A 73 5.01 -8.44 -4.80
C PRO A 73 5.21 -8.46 -6.33
N PRO A 74 4.94 -9.60 -6.99
CA PRO A 74 5.34 -9.66 -8.40
C PRO A 74 4.63 -8.60 -9.22
N GLU A 75 3.40 -8.23 -8.82
CA GLU A 75 2.59 -7.21 -9.49
C GLU A 75 1.75 -6.44 -8.48
N VAL A 76 1.67 -5.12 -8.68
CA VAL A 76 0.78 -4.26 -7.90
C VAL A 76 -0.27 -3.64 -8.84
N TRP A 77 -1.53 -3.74 -8.46
CA TRP A 77 -2.66 -3.22 -9.24
C TRP A 77 -3.48 -2.31 -8.35
N GLY A 78 -4.07 -1.29 -8.96
CA GLY A 78 -4.92 -0.35 -8.24
C GLY A 78 -6.37 -0.32 -8.67
N SER A 79 -7.23 0.00 -7.71
CA SER A 79 -8.64 0.28 -7.96
C SER A 79 -8.91 1.79 -7.82
N GLY A 80 -9.86 2.29 -8.62
CA GLY A 80 -10.23 3.70 -8.62
C GLY A 80 -11.69 3.99 -8.31
N ILE A 81 -11.90 5.07 -7.55
CA ILE A 81 -13.23 5.62 -7.23
C ILE A 81 -14.16 4.58 -6.58
N SER A 82 -13.75 4.12 -5.42
CA SER A 82 -14.49 3.10 -4.72
C SER A 82 -15.23 3.69 -3.52
N TYR A 83 -15.19 5.02 -3.40
CA TYR A 83 -15.89 5.77 -2.34
C TYR A 83 -16.80 6.87 -2.95
N ASN A 94 -13.59 21.00 -14.59
CA ASN A 94 -12.88 21.25 -15.85
C ASN A 94 -12.12 20.03 -16.45
N VAL A 95 -12.55 18.83 -16.07
CA VAL A 95 -11.89 17.59 -16.47
C VAL A 95 -12.61 16.91 -17.62
N ALA A 96 -12.30 15.63 -17.84
CA ALA A 96 -12.84 14.86 -18.95
C ALA A 96 -14.27 14.42 -18.72
N LYS A 97 -15.11 14.61 -19.72
CA LYS A 97 -16.52 14.21 -19.60
C LYS A 97 -17.07 13.54 -20.87
N ILE A 98 -17.90 12.51 -20.66
CA ILE A 98 -18.65 11.85 -21.72
C ILE A 98 -20.09 12.32 -21.60
N LEU A 99 -20.57 13.05 -22.62
CA LEU A 99 -21.92 13.63 -22.62
C LEU A 99 -22.21 14.43 -21.33
N GLY A 100 -21.38 15.44 -21.05
CA GLY A 100 -21.56 16.31 -19.87
C GLY A 100 -21.55 15.60 -18.52
N LYS A 101 -21.17 14.33 -18.53
CA LYS A 101 -20.97 13.57 -17.31
C LYS A 101 -19.48 13.30 -17.16
N THR A 102 -18.94 13.50 -15.95
CA THR A 102 -17.48 13.39 -15.73
C THR A 102 -17.06 11.92 -15.69
N ILE A 103 -15.97 11.60 -16.39
CA ILE A 103 -15.50 10.21 -16.49
C ILE A 103 -15.45 9.50 -15.15
N TYR A 104 -15.14 10.24 -14.09
CA TYR A 104 -15.04 9.68 -12.74
C TYR A 104 -16.40 9.33 -12.16
N GLU A 105 -17.39 10.19 -12.37
CA GLU A 105 -18.73 9.91 -11.86
C GLU A 105 -19.43 8.83 -12.70
N LYS A 106 -19.03 8.71 -13.96
CA LYS A 106 -19.49 7.63 -14.84
C LYS A 106 -19.03 6.24 -14.34
N VAL A 107 -17.73 6.12 -14.01
CA VAL A 107 -17.16 4.91 -13.40
C VAL A 107 -17.81 4.59 -12.06
N TYR A 108 -18.19 5.64 -11.32
CA TYR A 108 -18.83 5.49 -10.02
C TYR A 108 -20.18 4.74 -10.12
N ASP A 109 -20.94 5.02 -11.18
CA ASP A 109 -22.24 4.38 -11.44
C ASP A 109 -22.13 2.98 -12.11
N ALA A 110 -21.29 2.90 -13.16
CA ALA A 110 -21.21 1.73 -14.06
C ALA A 110 -21.02 0.36 -13.36
N VAL A 111 -21.41 -0.73 -14.03
CA VAL A 111 -21.19 -2.07 -13.47
C VAL A 111 -19.71 -2.36 -13.34
N ARG A 112 -18.91 -1.88 -14.29
CA ARG A 112 -17.47 -2.13 -14.35
C ARG A 112 -16.67 -1.10 -13.52
N PRO A 113 -15.95 -1.56 -12.48
CA PRO A 113 -15.07 -0.68 -11.69
C PRO A 113 -13.80 -0.33 -12.47
N GLU A 114 -13.12 0.74 -12.05
CA GLU A 114 -11.79 1.05 -12.58
C GLU A 114 -10.74 0.14 -11.96
N ILE A 115 -9.85 -0.36 -12.83
CA ILE A 115 -8.72 -1.17 -12.41
C ILE A 115 -7.52 -0.70 -13.25
N PHE A 116 -6.39 -0.43 -12.58
CA PHE A 116 -5.18 -0.03 -13.30
C PHE A 116 -3.95 -0.74 -12.79
N PHE A 117 -2.95 -0.87 -13.65
CA PHE A 117 -1.66 -1.39 -13.23
C PHE A 117 -0.93 -0.31 -12.43
N LYS A 118 -0.49 -0.65 -11.21
CA LYS A 118 0.21 0.29 -10.33
C LYS A 118 1.74 0.21 -10.37
N ALA A 119 2.32 -0.97 -10.07
CA ALA A 119 3.78 -1.10 -10.00
C ALA A 119 4.36 -2.52 -10.14
N THR A 120 5.67 -2.57 -10.40
CA THR A 120 6.45 -3.80 -10.29
C THR A 120 7.19 -3.71 -8.96
N PRO A 121 7.74 -4.85 -8.47
CA PRO A 121 8.32 -4.84 -7.12
C PRO A 121 9.47 -3.82 -6.97
N ASN A 122 10.28 -3.64 -8.00
CA ASN A 122 11.40 -2.73 -7.89
C ASN A 122 10.99 -1.24 -7.94
N ARG A 123 9.72 -0.97 -8.21
CA ARG A 123 9.18 0.40 -8.14
C ARG A 123 8.47 0.66 -6.81
N CYS A 124 8.42 -0.34 -5.95
CA CYS A 124 7.83 -0.21 -4.64
C CYS A 124 8.92 0.04 -3.59
N VAL A 125 8.51 0.58 -2.44
CA VAL A 125 9.40 0.82 -1.32
C VAL A 125 8.65 0.55 -0.02
N GLY A 126 9.36 0.47 1.09
CA GLY A 126 8.71 0.18 2.36
C GLY A 126 8.85 1.23 3.45
N HIS A 127 8.40 0.83 4.64
CA HIS A 127 8.53 1.66 5.82
C HIS A 127 9.94 2.21 5.98
N GLY A 128 10.03 3.54 6.04
CA GLY A 128 11.26 4.23 6.34
C GLY A 128 12.13 4.42 5.13
N GLU A 129 11.61 4.10 3.95
CA GLU A 129 12.31 4.38 2.70
C GLU A 129 11.58 5.50 1.98
N ALA A 130 12.26 6.15 1.04
CA ALA A 130 11.70 7.34 0.44
C ALA A 130 10.77 7.03 -0.74
N ILE A 131 9.57 7.63 -0.73
CA ILE A 131 8.71 7.74 -1.92
C ILE A 131 9.23 8.89 -2.77
N ALA A 132 8.80 8.98 -4.03
CA ALA A 132 9.34 9.97 -4.97
C ALA A 132 8.26 10.85 -5.62
N VAL A 133 8.65 12.06 -6.02
CA VAL A 133 7.76 12.97 -6.75
C VAL A 133 8.42 13.16 -8.10
N ARG A 134 7.68 12.91 -9.18
CA ARG A 134 8.26 12.99 -10.52
C ARG A 134 8.89 14.36 -10.75
N SER A 135 10.03 14.35 -11.43
CA SER A 135 10.75 15.58 -11.73
C SER A 135 9.83 16.62 -12.35
N ASP A 136 8.88 16.15 -13.15
CA ASP A 136 7.99 17.01 -13.91
C ASP A 136 6.56 17.08 -13.37
N SER A 137 6.37 16.71 -12.10
CA SER A 137 5.04 16.81 -11.51
C SER A 137 4.99 18.03 -10.63
N GLU A 138 3.91 18.77 -10.74
CA GLU A 138 3.75 20.01 -9.99
C GLU A 138 2.83 19.85 -8.77
N TRP A 139 2.14 18.72 -8.72
CA TRP A 139 1.12 18.45 -7.70
C TRP A 139 0.94 16.93 -7.56
N THR A 140 1.78 16.33 -6.71
CA THR A 140 1.74 14.90 -6.44
C THR A 140 1.15 14.69 -5.05
N LEU A 141 0.13 13.85 -4.94
CA LEU A 141 -0.50 13.57 -3.66
C LEU A 141 -0.31 12.13 -3.28
N PRO A 142 -0.11 11.86 -1.98
CA PRO A 142 -0.16 10.48 -1.54
C PRO A 142 -1.61 10.05 -1.45
N GLU A 143 -1.88 8.79 -1.77
CA GLU A 143 -3.23 8.22 -1.67
C GLU A 143 -3.24 7.02 -0.69
N PRO A 144 -3.67 7.25 0.55
CA PRO A 144 -3.73 6.23 1.61
C PRO A 144 -4.84 5.23 1.35
N GLU A 145 -4.50 3.95 1.26
CA GLU A 145 -5.47 2.93 0.86
C GLU A 145 -5.26 1.63 1.58
N LEU A 146 -6.37 0.91 1.82
CA LEU A 146 -6.30 -0.49 2.24
C LEU A 146 -5.89 -1.34 1.04
N ALA A 147 -4.94 -2.24 1.26
CA ALA A 147 -4.47 -3.10 0.19
C ALA A 147 -4.59 -4.57 0.59
N VAL A 148 -4.82 -5.42 -0.40
CA VAL A 148 -4.93 -6.87 -0.14
C VAL A 148 -3.85 -7.65 -0.89
N VAL A 149 -3.29 -8.65 -0.20
CA VAL A 149 -2.38 -9.59 -0.83
C VAL A 149 -3.18 -10.79 -1.32
N LEU A 150 -2.96 -11.14 -2.58
CA LEU A 150 -3.74 -12.15 -3.29
C LEU A 150 -2.93 -13.39 -3.70
N ASP A 151 -3.57 -14.56 -3.73
CA ASP A 151 -3.02 -15.67 -4.53
C ASP A 151 -3.59 -15.66 -5.97
N SER A 152 -3.15 -16.62 -6.79
CA SER A 152 -3.54 -16.65 -8.21
C SER A 152 -5.04 -16.88 -8.46
N ASN A 153 -5.76 -17.34 -7.45
CA ASN A 153 -7.22 -17.46 -7.57
C ASN A 153 -7.96 -16.28 -6.99
N GLY A 154 -7.21 -15.28 -6.55
CA GLY A 154 -7.81 -14.05 -6.04
C GLY A 154 -8.34 -14.26 -4.64
N LYS A 155 -7.74 -15.22 -3.93
CA LYS A 155 -8.06 -15.42 -2.54
C LYS A 155 -7.23 -14.42 -1.69
N ILE A 156 -7.83 -13.91 -0.62
CA ILE A 156 -7.16 -12.90 0.17
C ILE A 156 -6.27 -13.57 1.19
N LEU A 157 -4.97 -13.37 1.02
CA LEU A 157 -3.96 -13.92 1.91
C LEU A 157 -3.65 -12.95 3.07
N GLY A 158 -4.16 -11.73 2.99
CA GLY A 158 -3.88 -10.73 4.01
C GLY A 158 -4.01 -9.28 3.59
N TYR A 159 -3.76 -8.38 4.55
CA TYR A 159 -3.98 -6.94 4.36
C TYR A 159 -2.76 -6.12 4.72
N THR A 160 -2.66 -4.92 4.15
CA THR A 160 -1.58 -3.99 4.46
C THR A 160 -1.98 -2.58 4.04
N ILE A 161 -1.18 -1.61 4.49
CA ILE A 161 -1.33 -0.22 4.13
C ILE A 161 -0.55 0.00 2.86
N MET A 162 -1.16 0.68 1.89
CA MET A 162 -0.41 1.11 0.71
C MET A 162 -0.58 2.60 0.46
N ASP A 163 0.48 3.22 -0.06
CA ASP A 163 0.45 4.57 -0.53
C ASP A 163 0.56 4.56 -2.07
N ASP A 164 -0.59 4.75 -2.72
CA ASP A 164 -0.70 4.94 -4.15
C ASP A 164 -0.29 6.37 -4.52
N VAL A 165 1.01 6.64 -4.47
CA VAL A 165 1.51 7.98 -4.75
C VAL A 165 1.16 8.32 -6.20
N SER A 166 0.45 9.44 -6.40
CA SER A 166 -0.06 9.81 -7.74
C SER A 166 0.20 11.27 -8.12
N ALA A 167 0.73 11.48 -9.32
CA ALA A 167 0.96 12.80 -9.87
C ALA A 167 -0.36 13.33 -10.44
N ARG A 168 -1.23 13.75 -9.51
CA ARG A 168 -2.55 14.25 -9.82
C ARG A 168 -2.65 15.33 -10.89
N ASP A 169 -1.59 16.13 -11.04
CA ASP A 169 -1.62 17.21 -12.02
C ASP A 169 -1.50 16.71 -13.44
N LEU A 170 -0.66 15.70 -13.64
CA LEU A 170 -0.50 15.07 -14.94
C LEU A 170 -1.78 14.33 -15.37
N GLU A 171 -2.50 13.81 -14.38
CA GLU A 171 -3.75 13.11 -14.63
C GLU A 171 -4.88 14.06 -15.01
N ALA A 172 -5.05 15.13 -14.25
CA ALA A 172 -6.12 16.09 -14.49
C ALA A 172 -5.91 16.80 -15.82
N GLU A 173 -4.66 16.84 -16.26
CA GLU A 173 -4.33 17.41 -17.57
C GLU A 173 -4.90 16.57 -18.72
N ASN A 174 -4.94 15.25 -18.54
CA ASN A 174 -5.47 14.28 -19.52
C ASN A 174 -5.46 12.89 -18.88
N PRO A 175 -6.60 12.18 -18.90
CA PRO A 175 -6.60 10.82 -18.32
C PRO A 175 -5.69 9.81 -19.05
N LEU A 176 -5.34 10.08 -20.30
CA LEU A 176 -4.41 9.20 -21.01
C LEU A 176 -2.99 9.26 -20.44
N TYR A 177 -2.79 10.17 -19.49
CA TYR A 177 -1.53 10.27 -18.79
C TYR A 177 -1.56 9.52 -17.46
N LEU A 178 -2.69 8.87 -17.16
CA LEU A 178 -2.81 8.15 -15.90
C LEU A 178 -1.63 7.19 -15.62
N PRO A 179 -1.20 6.40 -16.63
CA PRO A 179 -0.06 5.53 -16.39
C PRO A 179 1.20 6.29 -15.95
N GLN A 180 1.56 7.32 -16.70
CA GLN A 180 2.73 8.17 -16.39
C GLN A 180 2.56 8.74 -15.00
N SER A 181 1.32 9.07 -14.64
CA SER A 181 1.02 9.65 -13.35
C SER A 181 1.12 8.64 -12.22
N LYS A 182 1.00 7.36 -12.54
CA LYS A 182 0.91 6.29 -11.52
C LYS A 182 2.14 5.38 -11.34
N ILE A 183 2.93 5.23 -12.41
CA ILE A 183 3.98 4.19 -12.48
C ILE A 183 5.34 4.82 -12.69
N TYR A 184 6.20 4.76 -11.69
CA TYR A 184 7.59 5.29 -11.78
C TYR A 184 8.35 4.90 -10.49
N ALA A 185 9.68 5.03 -10.50
CA ALA A 185 10.47 4.61 -9.35
C ALA A 185 9.96 5.31 -8.09
N GLY A 186 9.60 4.54 -7.08
CA GLY A 186 9.15 5.12 -5.83
C GLY A 186 7.73 5.64 -5.85
N CYS A 187 6.98 5.30 -6.89
CA CYS A 187 5.55 5.62 -7.00
C CYS A 187 4.64 4.89 -6.01
N CYS A 188 5.20 4.00 -5.18
CA CYS A 188 4.38 3.10 -4.37
C CYS A 188 5.08 2.59 -3.11
N ALA A 189 4.42 2.75 -1.96
CA ALA A 189 4.97 2.27 -0.68
C ALA A 189 3.97 1.44 0.05
N PHE A 190 4.42 0.43 0.80
CA PHE A 190 3.49 -0.44 1.54
C PHE A 190 4.15 -1.14 2.71
N GLY A 191 3.34 -1.55 3.69
CA GLY A 191 3.87 -2.02 4.96
C GLY A 191 3.23 -1.31 6.13
N PRO A 192 3.89 -1.32 7.31
CA PRO A 192 5.17 -2.01 7.50
C PRO A 192 4.98 -3.52 7.68
N VAL A 193 3.75 -3.98 7.82
CA VAL A 193 3.47 -5.42 7.88
C VAL A 193 2.37 -5.84 6.91
N ILE A 194 2.24 -7.15 6.69
CA ILE A 194 1.07 -7.73 6.02
C ILE A 194 0.40 -8.54 7.08
N VAL A 195 -0.85 -8.24 7.38
CA VAL A 195 -1.52 -9.02 8.42
C VAL A 195 -2.36 -10.08 7.74
N THR A 196 -2.47 -11.23 8.41
CA THR A 196 -3.23 -12.36 7.88
C THR A 196 -4.72 -12.07 8.00
N SER A 197 -5.51 -12.76 7.19
CA SER A 197 -6.95 -12.49 7.04
C SER A 197 -7.74 -12.48 8.37
N ASP A 198 -7.36 -13.37 9.29
CA ASP A 198 -8.02 -13.46 10.59
C ASP A 198 -7.68 -12.32 11.58
N GLU A 199 -6.63 -11.54 11.31
CA GLU A 199 -6.27 -10.38 12.14
C GLU A 199 -7.22 -9.19 11.93
N ILE A 200 -8.13 -9.34 10.97
CA ILE A 200 -9.11 -8.30 10.65
C ILE A 200 -10.49 -8.91 10.53
N LYS A 201 -11.28 -8.76 11.60
CA LYS A 201 -12.63 -9.32 11.70
C LYS A 201 -13.57 -8.76 10.64
N ASN A 202 -13.50 -7.46 10.42
CA ASN A 202 -14.33 -6.84 9.40
C ASN A 202 -13.56 -5.73 8.72
N PRO A 203 -13.11 -6.00 7.46
CA PRO A 203 -12.40 -5.07 6.59
C PRO A 203 -13.14 -3.76 6.30
N TYR A 204 -14.47 -3.78 6.33
CA TYR A 204 -15.25 -2.55 6.08
C TYR A 204 -15.51 -1.73 7.36
N SER A 205 -14.61 -1.86 8.33
CA SER A 205 -14.76 -1.20 9.61
C SER A 205 -13.40 -0.83 10.22
N LEU A 206 -12.61 -0.05 9.47
CA LEU A 206 -11.26 0.31 9.88
C LEU A 206 -10.98 1.76 9.56
N ASP A 207 -10.17 2.41 10.39
CA ASP A 207 -9.85 3.81 10.22
C ASP A 207 -8.58 3.99 9.44
N ILE A 208 -8.65 4.83 8.40
CA ILE A 208 -7.48 5.21 7.62
C ILE A 208 -7.19 6.69 7.88
N THR A 209 -5.94 7.01 8.17
CA THR A 209 -5.57 8.37 8.57
C THR A 209 -4.30 8.81 7.89
N LEU A 210 -4.38 9.90 7.12
CA LEU A 210 -3.20 10.48 6.49
C LEU A 210 -2.73 11.73 7.25
N LYS A 211 -1.43 11.82 7.51
CA LYS A 211 -0.78 13.07 7.96
C LYS A 211 0.36 13.35 7.00
N ILE A 212 0.53 14.61 6.61
CA ILE A 212 1.77 15.02 5.92
C ILE A 212 2.53 15.95 6.87
N VAL A 213 3.85 15.77 6.95
CA VAL A 213 4.67 16.54 7.89
C VAL A 213 5.78 17.32 7.15
N ARG A 214 5.73 18.64 7.26
CA ARG A 214 6.74 19.52 6.65
C ARG A 214 7.54 20.25 7.72
N GLU A 215 8.84 20.01 7.77
CA GLU A 215 9.69 20.57 8.82
C GLU A 215 9.02 20.56 10.20
N GLY A 216 8.50 19.41 10.63
CA GLY A 216 7.87 19.27 11.96
C GLY A 216 6.43 19.69 11.98
N ARG A 217 6.03 20.44 10.96
CA ARG A 217 4.71 21.04 10.81
C ARG A 217 3.69 20.04 10.21
N VAL A 218 2.57 19.84 10.91
CA VAL A 218 1.44 19.07 10.36
C VAL A 218 0.76 19.84 9.20
N PHE A 219 1.23 19.60 7.97
CA PHE A 219 0.82 20.34 6.79
C PHE A 219 -0.55 19.95 6.27
N PHE A 220 -0.96 18.72 6.60
CA PHE A 220 -2.26 18.14 6.23
C PHE A 220 -2.57 16.99 7.16
N GLU A 221 -3.84 16.89 7.55
CA GLU A 221 -4.33 15.75 8.28
C GLU A 221 -5.76 15.44 7.83
N GLY A 222 -6.14 14.16 7.86
CA GLY A 222 -7.46 13.74 7.42
C GLY A 222 -7.66 12.26 7.70
N SER A 223 -8.92 11.85 7.80
CA SER A 223 -9.24 10.49 8.16
C SER A 223 -10.56 10.04 7.51
N VAL A 224 -10.79 8.72 7.44
CA VAL A 224 -12.07 8.16 6.98
C VAL A 224 -12.15 6.66 7.28
N ASN A 225 -13.37 6.15 7.39
CA ASN A 225 -13.59 4.76 7.70
C ASN A 225 -14.06 3.94 6.49
N THR A 226 -13.56 2.71 6.40
CA THR A 226 -13.85 1.85 5.24
C THR A 226 -15.34 1.48 5.07
N ASN A 227 -16.14 1.70 6.12
CA ASN A 227 -17.60 1.53 5.99
C ASN A 227 -18.19 2.51 4.97
N LYS A 228 -17.36 3.40 4.46
CA LYS A 228 -17.80 4.35 3.46
C LYS A 228 -17.31 3.98 2.06
N MET A 229 -16.90 2.73 1.91
CA MET A 229 -16.45 2.18 0.63
C MET A 229 -17.64 1.59 -0.15
N ARG A 230 -17.91 2.15 -1.34
CA ARG A 230 -19.05 1.70 -2.18
C ARG A 230 -18.78 0.39 -2.90
N ARG A 231 -17.70 0.38 -3.66
CA ARG A 231 -17.30 -0.75 -4.47
C ARG A 231 -16.63 -1.82 -3.60
N LYS A 232 -17.29 -2.95 -3.39
CA LYS A 232 -16.77 -3.99 -2.48
C LYS A 232 -15.53 -4.71 -3.04
N ILE A 233 -14.67 -5.19 -2.13
CA ILE A 233 -13.36 -5.74 -2.51
C ILE A 233 -13.42 -6.94 -3.45
N GLU A 234 -14.27 -7.91 -3.11
CA GLU A 234 -14.52 -9.09 -3.95
C GLU A 234 -14.80 -8.76 -5.42
N GLU A 235 -15.54 -7.67 -5.65
CA GLU A 235 -15.91 -7.24 -6.99
C GLU A 235 -14.70 -6.69 -7.72
N GLN A 236 -13.85 -5.96 -6.98
CA GLN A 236 -12.59 -5.41 -7.50
C GLN A 236 -11.68 -6.56 -7.90
N ILE A 237 -11.58 -7.56 -7.04
CA ILE A 237 -10.79 -8.76 -7.30
C ILE A 237 -11.28 -9.51 -8.52
N GLN A 238 -12.61 -9.66 -8.63
CA GLN A 238 -13.26 -10.35 -9.76
C GLN A 238 -12.92 -9.74 -11.12
N TYR A 239 -12.99 -8.42 -11.22
CA TYR A 239 -12.61 -7.72 -12.45
C TYR A 239 -11.11 -7.70 -12.71
N LEU A 240 -10.32 -7.70 -11.63
CA LEU A 240 -8.88 -7.79 -11.77
C LEU A 240 -8.48 -9.08 -12.45
N ILE A 241 -8.99 -10.21 -11.93
CA ILE A 241 -8.53 -11.53 -12.40
C ILE A 241 -9.22 -12.05 -13.64
N ARG A 242 -10.30 -11.39 -14.08
CA ARG A 242 -11.05 -11.82 -15.26
C ARG A 242 -10.17 -11.86 -16.51
N ASP A 243 -9.97 -13.07 -17.06
CA ASP A 243 -9.09 -13.31 -18.21
C ASP A 243 -7.65 -12.84 -17.98
N ASN A 244 -7.35 -12.49 -16.74
CA ASN A 244 -6.09 -11.84 -16.40
C ASN A 244 -5.43 -12.62 -15.29
N PRO A 245 -4.50 -13.50 -15.64
CA PRO A 245 -3.91 -14.36 -14.61
C PRO A 245 -2.92 -13.55 -13.76
N ILE A 246 -3.09 -13.59 -12.45
CA ILE A 246 -2.17 -12.94 -11.55
C ILE A 246 -1.28 -13.95 -10.83
N PRO A 247 -0.01 -13.59 -10.56
CA PRO A 247 0.88 -14.42 -9.76
C PRO A 247 0.56 -14.37 -8.26
N ASP A 248 1.02 -15.37 -7.52
CA ASP A 248 0.87 -15.40 -6.07
C ASP A 248 1.61 -14.23 -5.43
N GLY A 249 0.92 -13.52 -4.55
CA GLY A 249 1.53 -12.42 -3.81
C GLY A 249 1.26 -11.06 -4.40
N THR A 250 0.46 -11.01 -5.46
CA THR A 250 -0.01 -9.77 -6.04
C THR A 250 -0.67 -8.88 -4.98
N ILE A 251 -0.40 -7.58 -5.05
CA ILE A 251 -1.12 -6.62 -4.24
C ILE A 251 -2.16 -5.84 -5.06
N LEU A 252 -3.40 -5.88 -4.57
CA LEU A 252 -4.45 -4.99 -5.05
C LEU A 252 -4.71 -3.88 -4.05
N THR A 253 -4.55 -2.65 -4.49
CA THR A 253 -4.84 -1.51 -3.61
C THR A 253 -6.23 -0.96 -3.93
N THR A 254 -7.07 -0.93 -2.91
CA THR A 254 -8.51 -0.77 -3.12
C THR A 254 -9.07 0.65 -3.34
N GLY A 255 -8.20 1.64 -3.60
CA GLY A 255 -8.66 3.02 -3.82
C GLY A 255 -8.71 3.88 -2.54
N THR A 256 -8.53 5.20 -2.69
CA THR A 256 -8.44 6.12 -1.55
C THR A 256 -9.69 6.95 -1.36
N ALA A 257 -9.92 7.37 -0.11
CA ALA A 257 -10.99 8.30 0.24
C ALA A 257 -10.50 9.64 0.84
N ILE A 258 -9.18 9.86 0.89
CA ILE A 258 -8.61 11.08 1.48
C ILE A 258 -7.81 11.87 0.45
N VAL A 259 -8.31 13.04 0.09
CA VAL A 259 -7.72 13.79 -1.02
C VAL A 259 -7.45 15.28 -0.67
N PRO A 260 -6.21 15.61 -0.25
CA PRO A 260 -5.81 17.02 -0.05
C PRO A 260 -6.16 17.96 -1.22
N GLY A 261 -6.18 19.26 -0.95
CA GLY A 261 -6.44 20.28 -1.96
C GLY A 261 -5.26 20.50 -2.91
N ARG A 262 -5.45 21.41 -3.86
CA ARG A 262 -4.45 21.70 -4.91
C ARG A 262 -3.20 22.41 -4.42
N ASP A 263 -3.25 22.91 -3.18
CA ASP A 263 -2.13 23.62 -2.54
C ASP A 263 -1.31 22.67 -1.65
N LYS A 264 -1.76 21.41 -1.55
CA LYS A 264 -1.15 20.41 -0.67
C LYS A 264 -0.21 19.43 -1.38
N GLY A 265 0.23 19.79 -2.59
CA GLY A 265 1.25 19.03 -3.32
C GLY A 265 2.48 18.73 -2.48
N LEU A 266 3.06 17.55 -2.68
CA LEU A 266 4.18 17.09 -1.87
C LEU A 266 5.47 17.80 -2.30
N LYS A 267 6.42 17.89 -1.37
CA LYS A 267 7.72 18.51 -1.63
C LYS A 267 8.85 17.77 -0.93
N ASP A 268 10.06 17.98 -1.46
CA ASP A 268 11.24 17.28 -0.99
C ASP A 268 11.36 17.31 0.53
N GLU A 269 11.66 16.17 1.13
CA GLU A 269 11.86 16.05 2.60
C GLU A 269 10.59 15.96 3.47
N ASP A 270 9.41 16.03 2.85
CA ASP A 270 8.15 15.81 3.59
C ASP A 270 8.11 14.44 4.27
N ILE A 271 7.29 14.27 5.28
CA ILE A 271 7.13 12.95 5.85
C ILE A 271 5.69 12.56 5.66
N VAL A 272 5.45 11.41 5.03
CA VAL A 272 4.09 10.92 4.83
C VAL A 272 3.88 9.77 5.78
N GLU A 273 2.81 9.87 6.57
CA GLU A 273 2.50 8.89 7.60
C GLU A 273 1.07 8.41 7.39
N ILE A 274 0.86 7.09 7.36
CA ILE A 274 -0.47 6.52 7.10
C ILE A 274 -0.78 5.46 8.14
N THR A 275 -1.97 5.55 8.73
CA THR A 275 -2.37 4.62 9.78
C THR A 275 -3.63 3.90 9.37
N ILE A 276 -3.61 2.57 9.51
CA ILE A 276 -4.81 1.75 9.39
C ILE A 276 -4.94 0.82 10.60
N SER A 277 -6.15 0.78 11.17
CA SER A 277 -6.45 -0.01 12.35
C SER A 277 -5.97 -1.46 12.19
N ASN A 278 -5.28 -1.95 13.23
CA ASN A 278 -4.81 -3.36 13.33
C ASN A 278 -3.61 -3.68 12.45
N ILE A 279 -3.23 -2.72 11.61
CA ILE A 279 -2.11 -2.95 10.74
C ILE A 279 -0.92 -2.25 11.37
N GLY A 280 -0.98 -0.92 11.46
CA GLY A 280 0.12 -0.14 12.00
C GLY A 280 0.20 1.22 11.35
N THR A 281 1.42 1.78 11.33
CA THR A 281 1.61 3.10 10.71
C THR A 281 2.79 3.11 9.72
N LEU A 282 2.47 3.31 8.44
CA LEU A 282 3.49 3.43 7.40
C LEU A 282 4.06 4.85 7.32
N ILE A 283 5.38 4.98 7.49
CA ILE A 283 6.06 6.30 7.42
C ILE A 283 7.12 6.36 6.29
N THR A 284 7.01 7.32 5.37
CA THR A 284 8.00 7.45 4.28
C THR A 284 8.45 8.88 4.01
N PRO A 285 9.76 9.15 4.11
CA PRO A 285 10.23 10.44 3.62
C PRO A 285 9.89 10.60 2.15
N VAL A 286 9.87 11.85 1.68
CA VAL A 286 9.56 12.13 0.30
C VAL A 286 10.80 12.69 -0.32
N LYS A 287 10.99 12.41 -1.60
CA LYS A 287 12.18 12.84 -2.29
C LYS A 287 11.80 13.28 -3.71
N LYS A 288 11.99 14.57 -4.00
CA LYS A 288 11.71 15.13 -5.31
C LYS A 288 12.86 14.78 -6.26
N ARG A 289 12.53 14.24 -7.43
CA ARG A 289 13.56 13.86 -8.40
C ARG A 289 13.99 15.07 -9.23
N ARG A 290 15.02 14.92 -10.04
CA ARG A 290 15.62 16.05 -10.76
C ARG A 290 15.66 15.89 -12.30
N LYS A 291 16.24 16.86 -13.01
CA LYS A 291 16.20 16.89 -14.48
C LYS A 291 17.53 16.60 -15.17
MG MG B . -5.47 5.21 -5.80
O3 DO4 C . -7.67 8.47 -11.34
C5 DO4 C . -7.93 7.30 -11.11
C4 DO4 C . -7.31 6.61 -9.92
C3 DO4 C . -8.28 6.68 -8.74
C2 DO4 C . -7.57 6.16 -7.52
O5 DO4 C . -6.40 5.81 -7.59
C1 DO4 C . -8.25 6.07 -6.23
O1 DO4 C . -9.46 6.40 -6.13
O2 DO4 C . -7.59 5.64 -5.25
#